data_2FEY
#
_entry.id   2FEY
#
_cell.length_a   1.000
_cell.length_b   1.000
_cell.length_c   1.000
_cell.angle_alpha   90.00
_cell.angle_beta   90.00
_cell.angle_gamma   90.00
#
_symmetry.space_group_name_H-M   'P 1'
#
_entity_poly.entity_id   1
_entity_poly.type   'polyribonucleotide'
_entity_poly.pdbx_seq_one_letter_code
;GAGACUAUCGACAUUUGAUACACUAUUUAUCAAUGGAUGUCUC
;
_entity_poly.pdbx_strand_id   A
#